data_1U8P
#
_entry.id   1U8P
#
_cell.length_a   58.000
_cell.length_b   65.000
_cell.length_c   176.200
_cell.angle_alpha   90.00
_cell.angle_beta   90.00
_cell.angle_gamma   90.00
#
_symmetry.space_group_name_H-M   'P 21 21 21'
#
loop_
_entity.id
_entity.type
_entity.pdbx_description
1 polymer 'ANTIBODY 2F5 (LIGHT CHAIN)'
2 polymer 'ANTIBODY 2F5 (HEAVY CHAIN)'
3 polymer 'GP41 PEPTIDE'
#
loop_
_entity_poly.entity_id
_entity_poly.type
_entity_poly.pdbx_seq_one_letter_code
_entity_poly.pdbx_strand_id
1 'polypeptide(L)'
;ALQLTQSPSSLSASVGDRITITCRASQGVTSALAWYRQKPGSPPQLLIYDASSLESGVPSRFSGSGSGTEFTLTISTLRP
EDFATYYCQQLHFYPHTFGGGTRVDVRRTVAAPSVFIFPPSDEQLKSGTASVVCLLNNFYPREAKVQWKVDNALQSGNSQ
ESVTEQDSKDSTYSLSSTLTLSKADYEKHKVYECEVTHQGLSSPVTKSFNRGEC
;
A
2 'polypeptide(L)'
;RITLKESGPPLVKPTQTLTLTCSFSGFSLSDFGVGVGWIRQPPGKALEWLAIIYSDDDKRYSPSLNTRLTITKDTSKNQV
VLVMTRVSPVDTATYFCAHRRGPTTLFGVPIARGPVNAMDVWGQGITVTISSTSTKGPSVFPLAPSSKSTAGAAAALGCL
VKDYFPEPVTVSWNSGALTSGVHTFPAVLQSSGLYSLSSVVTVPSSSLGTQTYTCNVNHKPSNTKVDKRVEPKSC
;
B
3 'polypeptide(L)' ECDKWCS C
#
# COMPACT_ATOMS: atom_id res chain seq x y z
N ALA A 1 3.46 3.11 -23.15
CA ALA A 1 3.41 4.60 -22.97
C ALA A 1 4.62 5.22 -22.26
N LEU A 2 4.46 6.51 -21.98
CA LEU A 2 5.44 7.34 -21.30
C LEU A 2 5.78 6.75 -19.94
N GLN A 3 7.07 6.72 -19.62
CA GLN A 3 7.51 6.17 -18.37
C GLN A 3 8.07 7.27 -17.46
N LEU A 4 7.73 7.22 -16.17
CA LEU A 4 8.23 8.16 -15.16
C LEU A 4 8.91 7.34 -14.11
N THR A 5 10.22 7.50 -13.99
CA THR A 5 10.98 6.72 -13.03
C THR A 5 11.45 7.57 -11.86
N GLN A 6 11.07 7.26 -10.61
CA GLN A 6 11.54 8.08 -9.47
C GLN A 6 12.80 7.50 -8.88
N SER A 7 13.68 8.33 -8.32
CA SER A 7 14.86 7.81 -7.64
C SER A 7 15.10 8.66 -6.43
N PRO A 8 15.46 8.04 -5.27
CA PRO A 8 15.59 6.58 -5.18
C PRO A 8 14.19 6.11 -4.87
N SER A 9 13.97 4.79 -4.93
CA SER A 9 12.66 4.31 -4.61
C SER A 9 12.41 4.46 -3.08
N SER A 10 13.47 4.34 -2.30
CA SER A 10 13.36 4.45 -0.84
C SER A 10 14.54 5.28 -0.35
N LEU A 11 14.38 6.00 0.76
CA LEU A 11 15.45 6.88 1.20
C LEU A 11 15.35 7.05 2.67
N SER A 12 16.47 6.96 3.38
CA SER A 12 16.41 7.16 4.85
C SER A 12 16.99 8.54 5.20
N ALA A 13 16.47 9.17 6.24
CA ALA A 13 16.93 10.50 6.58
C ALA A 13 16.55 10.85 8.00
N SER A 14 17.07 11.97 8.48
CA SER A 14 16.74 12.39 9.83
C SER A 14 16.19 13.80 9.80
N VAL A 15 15.46 14.19 10.83
CA VAL A 15 14.90 15.51 10.94
C VAL A 15 16.07 16.52 10.77
N GLY A 16 15.85 17.54 9.95
CA GLY A 16 16.88 18.51 9.69
C GLY A 16 17.65 18.18 8.42
N ASP A 17 17.56 16.98 7.88
CA ASP A 17 18.34 16.79 6.65
C ASP A 17 17.75 17.49 5.41
N ARG A 18 18.56 17.55 4.36
CA ARG A 18 18.16 18.10 3.10
C ARG A 18 18.07 16.89 2.22
N ILE A 19 16.93 16.64 1.59
CA ILE A 19 16.86 15.50 0.71
C ILE A 19 16.39 15.93 -0.66
N THR A 20 16.71 15.15 -1.67
CA THR A 20 16.25 15.53 -2.95
C THR A 20 15.86 14.24 -3.60
N ILE A 21 14.67 14.26 -4.23
CA ILE A 21 14.09 13.11 -4.90
C ILE A 21 14.08 13.50 -6.37
N THR A 22 14.36 12.57 -7.25
CA THR A 22 14.35 12.94 -8.65
C THR A 22 13.38 12.10 -9.49
N CYS A 23 12.88 12.64 -10.59
CA CYS A 23 11.92 11.93 -11.42
C CYS A 23 12.32 12.17 -12.87
N ARG A 24 12.46 11.09 -13.63
CA ARG A 24 12.90 11.19 -15.02
C ARG A 24 11.83 10.62 -15.94
N ALA A 25 11.55 11.34 -17.02
CA ALA A 25 10.54 10.90 -17.96
C ALA A 25 11.16 10.32 -19.22
N SER A 26 10.51 9.33 -19.82
CA SER A 26 11.04 8.70 -21.04
C SER A 26 11.02 9.58 -22.28
N GLN A 27 10.14 10.58 -22.30
CA GLN A 27 9.99 11.56 -23.39
C GLN A 27 9.77 12.88 -22.66
N GLY A 28 10.09 14.01 -23.28
CA GLY A 28 9.93 15.31 -22.62
C GLY A 28 8.49 15.66 -22.30
N VAL A 29 8.26 16.16 -21.09
CA VAL A 29 6.94 16.54 -20.63
C VAL A 29 6.87 18.05 -20.38
N THR A 30 7.80 18.80 -20.96
CA THR A 30 7.87 20.25 -20.78
C THR A 30 7.88 20.54 -19.30
N SER A 31 7.06 21.48 -18.80
CA SER A 31 7.03 21.77 -17.37
C SER A 31 5.80 21.17 -16.68
N ALA A 32 5.06 20.31 -17.39
CA ALA A 32 3.82 19.76 -16.84
C ALA A 32 4.06 18.59 -15.89
N LEU A 33 4.52 18.93 -14.70
CA LEU A 33 4.87 17.92 -13.73
C LEU A 33 4.53 18.39 -12.35
N ALA A 34 3.98 17.50 -11.55
CA ALA A 34 3.59 17.91 -10.20
C ALA A 34 4.18 16.96 -9.17
N TRP A 35 4.46 17.48 -7.97
CA TRP A 35 4.95 16.65 -6.88
C TRP A 35 3.94 16.60 -5.77
N TYR A 36 3.82 15.43 -5.14
CA TYR A 36 2.88 15.24 -4.02
C TYR A 36 3.55 14.51 -2.88
N ARG A 37 3.03 14.75 -1.69
CA ARG A 37 3.50 14.06 -0.51
C ARG A 37 2.28 13.30 0.01
N GLN A 38 2.44 12.04 0.35
CA GLN A 38 1.29 11.29 0.87
C GLN A 38 1.70 10.61 2.17
N LYS A 39 0.99 10.96 3.22
CA LYS A 39 1.26 10.38 4.51
C LYS A 39 0.40 9.14 4.63
N PRO A 40 0.85 8.16 5.43
CA PRO A 40 0.03 6.95 5.57
C PRO A 40 -1.43 7.26 5.93
N GLY A 41 -2.34 6.50 5.35
CA GLY A 41 -3.77 6.70 5.59
C GLY A 41 -4.43 7.96 5.03
N SER A 42 -3.67 8.81 4.35
CA SER A 42 -4.24 10.05 3.82
C SER A 42 -4.10 10.14 2.29
N PRO A 43 -4.84 11.07 1.66
CA PRO A 43 -4.73 11.22 0.20
C PRO A 43 -3.42 11.98 -0.13
N PRO A 44 -2.97 11.90 -1.36
CA PRO A 44 -1.75 12.64 -1.69
C PRO A 44 -2.02 14.15 -1.53
N GLN A 45 -1.01 14.95 -1.20
CA GLN A 45 -1.22 16.39 -1.07
C GLN A 45 -0.26 17.06 -2.04
N LEU A 46 -0.80 18.00 -2.82
CA LEU A 46 -0.04 18.76 -3.82
C LEU A 46 1.03 19.64 -3.14
N LEU A 47 2.27 19.55 -3.56
CA LEU A 47 3.36 20.38 -3.02
C LEU A 47 3.78 21.40 -4.07
N ILE A 48 4.08 20.92 -5.27
CA ILE A 48 4.62 21.71 -6.38
C ILE A 48 3.87 21.39 -7.66
N TYR A 49 3.43 22.42 -8.36
CA TYR A 49 2.73 22.27 -9.65
C TYR A 49 3.54 22.93 -10.76
N ASP A 50 3.35 22.47 -11.98
CA ASP A 50 4.07 23.09 -13.12
C ASP A 50 5.57 23.08 -12.86
N ALA A 51 6.11 21.92 -12.43
CA ALA A 51 7.56 21.69 -12.13
C ALA A 51 8.22 22.48 -11.05
N SER A 52 7.86 23.76 -10.90
CA SER A 52 8.55 24.51 -9.88
C SER A 52 7.70 25.47 -9.08
N SER A 53 6.40 25.64 -9.39
CA SER A 53 5.61 26.62 -8.63
C SER A 53 5.19 26.06 -7.26
N LEU A 54 5.34 26.87 -6.21
CA LEU A 54 5.00 26.40 -4.88
C LEU A 54 3.51 26.51 -4.70
N GLU A 55 2.86 25.41 -4.35
CA GLU A 55 1.41 25.43 -4.15
C GLU A 55 1.10 26.26 -2.92
N SER A 56 -0.01 26.99 -3.00
CA SER A 56 -0.42 27.85 -1.91
C SER A 56 -0.66 27.12 -0.58
N GLY A 57 -0.01 27.59 0.47
CA GLY A 57 -0.20 26.98 1.77
C GLY A 57 0.81 25.89 2.03
N VAL A 58 1.66 25.62 1.04
CA VAL A 58 2.69 24.61 1.20
C VAL A 58 3.96 25.27 1.77
N PRO A 59 4.56 24.68 2.80
CA PRO A 59 5.77 25.29 3.40
C PRO A 59 6.94 25.48 2.44
N SER A 60 7.63 26.60 2.65
CA SER A 60 8.73 26.98 1.79
C SER A 60 9.92 26.04 1.76
N ARG A 61 10.07 25.13 2.71
CA ARG A 61 11.21 24.20 2.61
C ARG A 61 11.08 23.28 1.40
N PHE A 62 9.92 23.26 0.76
CA PHE A 62 9.75 22.39 -0.41
C PHE A 62 10.08 23.16 -1.66
N SER A 63 10.85 22.54 -2.52
CA SER A 63 11.22 23.21 -3.73
C SER A 63 11.27 22.26 -4.91
N GLY A 64 10.82 22.73 -6.07
CA GLY A 64 10.93 21.87 -7.24
C GLY A 64 11.61 22.57 -8.40
N SER A 65 12.45 21.86 -9.15
CA SER A 65 13.12 22.40 -10.31
C SER A 65 13.20 21.36 -11.46
N GLY A 66 13.64 21.82 -12.63
CA GLY A 66 13.77 20.97 -13.80
C GLY A 66 12.63 21.14 -14.80
N SER A 67 12.83 20.63 -16.02
CA SER A 67 11.85 20.65 -17.12
C SER A 67 12.29 19.60 -18.17
N GLY A 68 11.44 19.25 -19.15
CA GLY A 68 11.87 18.25 -20.12
C GLY A 68 11.77 16.81 -19.62
N THR A 69 12.90 16.20 -19.29
CA THR A 69 12.91 14.82 -18.83
C THR A 69 13.45 14.60 -17.45
N GLU A 70 13.93 15.65 -16.80
CA GLU A 70 14.50 15.45 -15.48
C GLU A 70 14.03 16.47 -14.46
N PHE A 71 13.44 16.03 -13.36
CA PHE A 71 12.92 16.90 -12.35
C PHE A 71 13.38 16.45 -10.98
N THR A 72 13.44 17.40 -10.06
CA THR A 72 13.86 17.17 -8.71
C THR A 72 13.00 17.95 -7.72
N LEU A 73 12.76 17.32 -6.58
CA LEU A 73 12.02 17.91 -5.46
C LEU A 73 13.06 17.94 -4.34
N THR A 74 13.23 19.07 -3.68
CA THR A 74 14.14 18.98 -2.59
C THR A 74 13.42 19.55 -1.40
N ILE A 75 13.64 18.94 -0.26
CA ILE A 75 13.06 19.42 0.96
C ILE A 75 14.35 19.89 1.63
N SER A 76 14.42 21.17 1.97
CA SER A 76 15.67 21.69 2.49
C SER A 76 15.96 21.31 3.95
N THR A 77 14.94 21.34 4.81
CA THR A 77 15.09 20.96 6.21
C THR A 77 13.95 20.01 6.58
N LEU A 78 14.20 18.70 6.46
CA LEU A 78 13.17 17.69 6.77
C LEU A 78 12.52 17.82 8.13
N ARG A 79 11.19 17.86 8.16
CA ARG A 79 10.44 17.94 9.42
C ARG A 79 9.79 16.55 9.66
N PRO A 80 9.35 16.23 10.90
CA PRO A 80 8.74 14.91 11.16
C PRO A 80 7.59 14.53 10.24
N GLU A 81 6.75 15.48 9.87
CA GLU A 81 5.65 15.20 8.96
C GLU A 81 6.09 14.83 7.54
N ASP A 82 7.39 14.94 7.23
CA ASP A 82 7.87 14.65 5.90
C ASP A 82 8.27 13.20 5.69
N PHE A 83 8.16 12.40 6.75
CA PHE A 83 8.50 11.00 6.66
C PHE A 83 7.23 10.51 5.98
N ALA A 84 7.38 10.11 4.73
CA ALA A 84 6.18 9.79 3.98
C ALA A 84 6.63 9.30 2.64
N THR A 85 5.67 9.12 1.74
CA THR A 85 5.97 8.68 0.37
C THR A 85 5.66 9.85 -0.60
N TYR A 86 6.58 10.13 -1.50
CA TYR A 86 6.43 11.21 -2.45
C TYR A 86 6.20 10.69 -3.84
N TYR A 87 5.34 11.36 -4.60
CA TYR A 87 5.11 10.95 -5.98
C TYR A 87 5.23 12.09 -6.96
N CYS A 88 5.72 11.82 -8.17
CA CYS A 88 5.69 12.88 -9.19
C CYS A 88 4.60 12.44 -10.18
N GLN A 89 4.00 13.38 -10.91
CA GLN A 89 2.96 13.13 -11.91
C GLN A 89 3.18 14.02 -13.14
N GLN A 90 3.09 13.39 -14.28
CA GLN A 90 3.29 14.05 -15.55
C GLN A 90 1.86 14.37 -16.07
N LEU A 91 1.64 15.58 -16.63
CA LEU A 91 0.34 15.97 -17.20
C LEU A 91 0.41 16.54 -18.63
N HIS A 92 1.47 16.20 -19.34
CA HIS A 92 1.70 16.65 -20.71
C HIS A 92 1.06 15.72 -21.74
N PHE A 93 1.08 14.40 -21.45
CA PHE A 93 0.53 13.36 -22.32
C PHE A 93 -0.47 12.50 -21.59
N TYR A 94 -1.50 12.03 -22.30
CA TYR A 94 -2.47 11.13 -21.70
C TYR A 94 -1.90 9.75 -21.98
N PRO A 95 -1.99 8.84 -21.01
CA PRO A 95 -2.57 9.08 -19.68
C PRO A 95 -1.58 9.86 -18.83
N HIS A 96 -2.11 10.62 -17.86
CA HIS A 96 -1.37 11.45 -16.92
C HIS A 96 -0.62 10.66 -15.83
N THR A 97 0.41 9.92 -16.22
CA THR A 97 1.24 9.08 -15.34
C THR A 97 1.81 9.55 -14.03
N PHE A 98 1.92 8.61 -13.11
CA PHE A 98 2.51 8.84 -11.81
C PHE A 98 3.80 8.05 -11.74
N GLY A 99 4.77 8.55 -11.01
CA GLY A 99 6.00 7.79 -10.81
C GLY A 99 5.74 6.68 -9.76
N GLY A 100 6.72 5.83 -9.53
CA GLY A 100 6.55 4.68 -8.61
C GLY A 100 6.56 5.08 -7.17
N GLY A 101 6.91 6.32 -6.88
CA GLY A 101 6.94 6.73 -5.49
C GLY A 101 8.30 6.59 -4.79
N THR A 102 8.60 7.44 -3.83
CA THR A 102 9.80 7.23 -3.07
C THR A 102 9.43 7.41 -1.62
N ARG A 103 9.72 6.38 -0.84
CA ARG A 103 9.42 6.30 0.60
C ARG A 103 10.54 6.97 1.40
N VAL A 104 10.20 7.88 2.28
CA VAL A 104 11.25 8.54 3.04
C VAL A 104 10.98 8.09 4.47
N ASP A 105 11.94 7.41 5.10
CA ASP A 105 11.72 6.92 6.45
C ASP A 105 12.88 7.34 7.43
N VAL A 106 12.66 7.16 8.74
CA VAL A 106 13.59 7.56 9.77
C VAL A 106 14.89 6.73 9.68
N ARG A 107 16.02 7.37 9.49
CA ARG A 107 17.28 6.61 9.41
C ARG A 107 17.68 6.11 10.80
N ARG A 108 18.32 4.96 10.86
CA ARG A 108 18.82 4.40 12.12
C ARG A 108 19.88 3.45 11.64
N THR A 109 20.61 2.81 12.64
CA THR A 109 21.71 1.91 12.31
C THR A 109 21.18 0.61 11.71
N VAL A 110 21.98 0.14 10.77
CA VAL A 110 21.60 -1.10 10.14
C VAL A 110 21.39 -2.16 11.22
N ALA A 111 20.31 -2.92 11.07
CA ALA A 111 19.99 -3.99 11.99
C ALA A 111 19.47 -5.18 11.19
N ALA A 112 20.15 -6.32 11.35
CA ALA A 112 19.76 -7.54 10.65
C ALA A 112 18.50 -8.09 11.31
N PRO A 113 17.71 -8.83 10.55
CA PRO A 113 16.48 -9.37 11.15
C PRO A 113 16.75 -10.60 12.01
N SER A 114 15.92 -10.83 13.01
CA SER A 114 16.02 -12.06 13.81
C SER A 114 15.01 -12.89 12.98
N VAL A 115 15.42 -14.06 12.51
CA VAL A 115 14.55 -14.88 11.69
C VAL A 115 14.06 -16.10 12.44
N PHE A 116 12.78 -16.45 12.22
CA PHE A 116 12.12 -17.58 12.85
C PHE A 116 11.23 -18.28 11.82
N ILE A 117 11.17 -19.63 11.86
CA ILE A 117 10.34 -20.38 10.95
C ILE A 117 9.35 -21.19 11.77
N PHE A 118 8.08 -21.16 11.38
CA PHE A 118 7.05 -21.83 12.11
C PHE A 118 6.41 -22.88 11.24
N PRO A 119 6.36 -24.14 11.72
CA PRO A 119 5.74 -25.21 10.92
C PRO A 119 4.24 -25.09 11.06
N PRO A 120 3.48 -25.75 10.19
CA PRO A 120 2.04 -25.62 10.35
C PRO A 120 1.55 -26.40 11.58
N SER A 121 0.51 -25.89 12.23
CA SER A 121 -0.06 -26.56 13.38
C SER A 121 -0.81 -27.85 12.94
N ASP A 122 -0.78 -28.83 13.83
CA ASP A 122 -1.49 -30.08 13.59
C ASP A 122 -2.94 -29.76 13.44
N GLU A 123 -3.41 -28.71 14.10
CA GLU A 123 -4.81 -28.34 13.99
C GLU A 123 -5.13 -27.90 12.55
N GLN A 124 -4.25 -27.10 11.95
CA GLN A 124 -4.51 -26.67 10.57
C GLN A 124 -4.44 -27.89 9.65
N LEU A 125 -3.38 -28.68 9.78
CA LEU A 125 -3.22 -29.88 8.95
C LEU A 125 -4.51 -30.76 8.87
N LYS A 126 -5.22 -30.93 9.99
CA LYS A 126 -6.47 -31.70 10.00
C LYS A 126 -7.52 -31.10 9.09
N SER A 127 -7.40 -29.81 8.79
CA SER A 127 -8.37 -29.19 7.88
C SER A 127 -7.92 -29.33 6.44
N GLY A 128 -6.76 -29.94 6.24
CA GLY A 128 -6.27 -30.13 4.89
C GLY A 128 -5.33 -29.09 4.30
N THR A 129 -5.02 -28.02 5.03
CA THR A 129 -4.10 -27.04 4.49
C THR A 129 -2.87 -26.90 5.38
N ALA A 130 -1.77 -26.43 4.80
CA ALA A 130 -0.56 -26.29 5.54
C ALA A 130 0.06 -24.92 5.30
N SER A 131 0.16 -24.13 6.37
CA SER A 131 0.79 -22.81 6.27
C SER A 131 2.13 -22.77 6.95
N VAL A 132 3.17 -22.41 6.22
CA VAL A 132 4.46 -22.32 6.85
C VAL A 132 4.74 -20.84 6.90
N VAL A 133 5.00 -20.30 8.10
CA VAL A 133 5.28 -18.89 8.22
C VAL A 133 6.71 -18.60 8.63
N CYS A 134 7.24 -17.53 8.05
CA CYS A 134 8.59 -17.11 8.34
C CYS A 134 8.50 -15.72 8.86
N LEU A 135 9.21 -15.44 9.94
CA LEU A 135 9.19 -14.10 10.50
C LEU A 135 10.58 -13.48 10.47
N LEU A 136 10.66 -12.23 10.02
CA LEU A 136 11.89 -11.43 10.00
C LEU A 136 11.51 -10.31 10.95
N ASN A 137 12.12 -10.33 12.14
CA ASN A 137 11.80 -9.36 13.18
C ASN A 137 12.77 -8.19 13.39
N ASN A 138 12.23 -6.97 13.54
CA ASN A 138 13.03 -5.77 13.79
C ASN A 138 14.33 -5.57 12.95
N PHE A 139 14.19 -5.34 11.65
CA PHE A 139 15.39 -5.12 10.82
C PHE A 139 15.38 -3.71 10.22
N TYR A 140 16.47 -3.33 9.58
CA TYR A 140 16.61 -2.00 8.92
C TYR A 140 17.88 -2.05 8.09
N PRO A 141 17.82 -1.51 6.85
CA PRO A 141 16.70 -0.89 6.18
C PRO A 141 15.55 -1.84 5.77
N ARG A 142 14.47 -1.26 5.27
CA ARG A 142 13.30 -2.01 4.90
C ARG A 142 13.43 -3.13 3.88
N GLU A 143 14.30 -2.99 2.89
CA GLU A 143 14.39 -4.00 1.89
C GLU A 143 14.95 -5.34 2.44
N ALA A 144 14.23 -6.42 2.15
CA ALA A 144 14.62 -7.74 2.62
C ALA A 144 14.08 -8.67 1.57
N LYS A 145 14.70 -9.83 1.40
CA LYS A 145 14.25 -10.80 0.43
C LYS A 145 14.16 -12.18 1.10
N VAL A 146 12.98 -12.78 0.95
CA VAL A 146 12.65 -14.06 1.51
C VAL A 146 12.47 -15.01 0.38
N GLN A 147 13.15 -16.16 0.48
CA GLN A 147 13.04 -17.21 -0.52
C GLN A 147 12.68 -18.56 0.13
N TRP A 148 11.54 -19.13 -0.23
CA TRP A 148 11.16 -20.41 0.34
C TRP A 148 11.77 -21.53 -0.48
N LYS A 149 12.25 -22.57 0.22
CA LYS A 149 12.78 -23.74 -0.42
C LYS A 149 12.18 -24.97 0.29
N VAL A 150 11.74 -25.94 -0.48
CA VAL A 150 11.17 -27.17 0.00
C VAL A 150 12.04 -28.29 -0.60
N ASP A 151 12.67 -29.11 0.23
CA ASP A 151 13.56 -30.17 -0.30
C ASP A 151 14.42 -29.56 -1.44
N ASN A 152 14.95 -28.39 -1.17
CA ASN A 152 15.78 -27.65 -2.11
C ASN A 152 15.17 -27.08 -3.34
N ALA A 153 13.87 -27.26 -3.53
CA ALA A 153 13.23 -26.68 -4.71
C ALA A 153 12.87 -25.26 -4.33
N LEU A 154 13.18 -24.35 -5.23
CA LEU A 154 12.89 -22.94 -5.07
C LEU A 154 11.37 -22.76 -5.18
N GLN A 155 10.72 -22.13 -4.22
CA GLN A 155 9.27 -21.99 -4.33
C GLN A 155 8.86 -20.69 -5.03
N SER A 156 7.73 -20.72 -5.73
CA SER A 156 7.31 -19.51 -6.40
C SER A 156 5.80 -19.50 -6.61
N GLY A 157 5.19 -18.36 -6.37
CA GLY A 157 3.76 -18.22 -6.59
C GLY A 157 2.89 -18.79 -5.50
N ASN A 158 3.48 -19.32 -4.44
CA ASN A 158 2.67 -19.91 -3.35
C ASN A 158 2.91 -19.30 -1.94
N SER A 159 3.40 -18.06 -1.92
CA SER A 159 3.66 -17.39 -0.67
C SER A 159 3.18 -15.95 -0.74
N GLN A 160 2.94 -15.36 0.41
CA GLN A 160 2.52 -13.96 0.47
C GLN A 160 3.17 -13.37 1.68
N GLU A 161 3.53 -12.09 1.58
CA GLU A 161 4.17 -11.42 2.69
C GLU A 161 3.58 -10.03 2.93
N SER A 162 3.71 -9.55 4.16
CA SER A 162 3.31 -8.20 4.52
C SER A 162 4.38 -7.65 5.49
N VAL A 163 4.52 -6.33 5.51
CA VAL A 163 5.54 -5.65 6.32
C VAL A 163 4.86 -4.63 7.24
N THR A 164 5.28 -4.54 8.50
CA THR A 164 4.71 -3.54 9.37
C THR A 164 5.16 -2.12 8.98
N GLU A 165 4.52 -1.11 9.50
CA GLU A 165 4.96 0.26 9.25
C GLU A 165 6.19 0.46 10.18
N GLN A 166 7.07 1.41 9.85
CA GLN A 166 8.29 1.67 10.64
C GLN A 166 7.90 1.83 12.08
N ASP A 167 8.60 1.17 12.99
CA ASP A 167 8.25 1.28 14.41
C ASP A 167 8.59 2.69 14.94
N SER A 168 7.67 3.35 15.65
CA SER A 168 7.93 4.70 16.16
C SER A 168 9.03 4.82 17.23
N LYS A 169 9.41 3.72 17.87
CA LYS A 169 10.47 3.75 18.89
C LYS A 169 11.80 3.17 18.36
N ASP A 170 11.70 2.03 17.68
CA ASP A 170 12.79 1.25 17.08
C ASP A 170 13.35 1.79 15.78
N SER A 171 12.41 2.25 14.95
CA SER A 171 12.70 2.68 13.56
C SER A 171 12.98 1.46 12.73
N THR A 172 12.64 0.26 13.21
CA THR A 172 12.88 -0.97 12.46
C THR A 172 11.57 -1.46 11.81
N TYR A 173 11.65 -2.44 10.93
CA TYR A 173 10.47 -3.03 10.30
C TYR A 173 10.47 -4.51 10.64
N SER A 174 9.32 -5.15 10.45
CA SER A 174 9.22 -6.59 10.65
C SER A 174 8.45 -7.12 9.42
N LEU A 175 8.73 -8.36 9.04
CA LEU A 175 8.10 -8.93 7.87
C LEU A 175 7.64 -10.38 8.13
N SER A 176 6.41 -10.66 7.70
CA SER A 176 5.84 -11.96 7.85
C SER A 176 5.62 -12.56 6.48
N SER A 177 6.13 -13.76 6.23
CA SER A 177 5.86 -14.42 4.96
C SER A 177 5.22 -15.81 5.17
N THR A 178 4.06 -16.05 4.52
CA THR A 178 3.36 -17.31 4.61
C THR A 178 3.47 -18.17 3.34
N LEU A 179 4.02 -19.40 3.47
CA LEU A 179 4.07 -20.38 2.37
C LEU A 179 2.82 -21.27 2.59
N THR A 180 1.97 -21.43 1.56
CA THR A 180 0.78 -22.22 1.69
C THR A 180 0.74 -23.44 0.74
N LEU A 181 0.47 -24.61 1.27
CA LEU A 181 0.44 -25.80 0.44
C LEU A 181 -0.71 -26.67 0.91
N SER A 182 -1.20 -27.55 0.05
CA SER A 182 -2.21 -28.48 0.53
C SER A 182 -1.53 -29.44 1.55
N LYS A 183 -2.33 -30.04 2.41
CA LYS A 183 -1.79 -30.97 3.37
C LYS A 183 -1.08 -32.04 2.57
N ALA A 184 -1.70 -32.52 1.49
CA ALA A 184 -1.07 -33.56 0.67
C ALA A 184 0.33 -33.21 0.21
N ASP A 185 0.49 -32.07 -0.47
CA ASP A 185 1.82 -31.67 -0.96
C ASP A 185 2.76 -31.51 0.23
N TYR A 186 2.23 -30.94 1.29
CA TYR A 186 3.06 -30.75 2.46
C TYR A 186 3.70 -32.05 2.85
N GLU A 187 2.89 -33.08 2.91
CA GLU A 187 3.34 -34.42 3.34
C GLU A 187 4.34 -35.07 2.41
N LYS A 188 4.42 -34.59 1.17
CA LYS A 188 5.35 -35.19 0.24
C LYS A 188 6.77 -34.66 0.32
N HIS A 189 7.09 -33.86 1.32
CA HIS A 189 8.44 -33.30 1.39
C HIS A 189 8.94 -33.23 2.82
N LYS A 190 10.23 -33.00 3.02
CA LYS A 190 10.73 -32.94 4.39
C LYS A 190 11.36 -31.64 4.85
N VAL A 191 12.28 -31.09 4.07
CA VAL A 191 12.97 -29.87 4.49
C VAL A 191 12.29 -28.57 4.03
N TYR A 192 11.71 -27.84 4.97
CA TYR A 192 11.04 -26.58 4.70
C TYR A 192 11.99 -25.50 5.16
N GLU A 193 12.43 -24.65 4.23
CA GLU A 193 13.41 -23.61 4.55
C GLU A 193 13.00 -22.20 4.13
N CYS A 194 13.33 -21.24 4.96
CA CYS A 194 13.09 -19.82 4.71
C CYS A 194 14.49 -19.17 4.61
N GLU A 195 14.88 -18.76 3.41
CA GLU A 195 16.16 -18.12 3.18
C GLU A 195 16.02 -16.60 3.19
N VAL A 196 16.84 -15.91 3.96
CA VAL A 196 16.68 -14.46 4.08
C VAL A 196 17.90 -13.64 3.70
N THR A 197 17.72 -12.67 2.79
CA THR A 197 18.82 -11.81 2.39
C THR A 197 18.50 -10.42 2.89
N HIS A 198 19.52 -9.77 3.44
CA HIS A 198 19.34 -8.44 3.99
C HIS A 198 20.67 -7.76 4.14
N GLN A 199 20.66 -6.45 4.05
CA GLN A 199 21.90 -5.72 4.14
C GLN A 199 22.69 -5.97 5.41
N GLY A 200 22.01 -6.16 6.53
CA GLY A 200 22.72 -6.41 7.78
C GLY A 200 23.26 -7.82 7.96
N LEU A 201 23.07 -8.69 6.98
CA LEU A 201 23.52 -10.05 7.13
C LEU A 201 24.69 -10.24 6.18
N SER A 202 25.83 -10.63 6.75
CA SER A 202 27.03 -10.90 5.97
C SER A 202 26.68 -11.78 4.75
N SER A 203 25.93 -12.85 4.96
CA SER A 203 25.51 -13.68 3.84
C SER A 203 24.12 -14.12 4.28
N PRO A 204 23.35 -14.72 3.37
CA PRO A 204 21.98 -15.19 3.63
C PRO A 204 21.87 -16.15 4.80
N VAL A 205 20.82 -15.97 5.58
CA VAL A 205 20.64 -16.85 6.69
C VAL A 205 19.46 -17.77 6.33
N THR A 206 19.56 -19.04 6.68
CA THR A 206 18.48 -19.94 6.44
C THR A 206 17.97 -20.56 7.76
N LYS A 207 16.64 -20.56 7.95
CA LYS A 207 16.03 -21.18 9.11
C LYS A 207 15.16 -22.25 8.51
N SER A 208 15.24 -23.46 9.07
CA SER A 208 14.45 -24.55 8.57
C SER A 208 14.15 -25.63 9.57
N PHE A 209 13.31 -26.57 9.12
CA PHE A 209 12.92 -27.71 9.88
C PHE A 209 12.60 -28.89 8.96
N ASN A 210 12.63 -30.10 9.52
CA ASN A 210 12.29 -31.26 8.74
C ASN A 210 10.92 -31.64 9.22
N ARG A 211 9.99 -31.78 8.28
CA ARG A 211 8.62 -32.11 8.61
C ARG A 211 8.55 -33.46 9.33
N GLY A 212 7.64 -33.52 10.30
CA GLY A 212 7.44 -34.74 11.03
C GLY A 212 8.57 -35.18 11.97
N GLU A 213 9.71 -34.51 11.90
CA GLU A 213 10.77 -34.91 12.79
C GLU A 213 10.24 -34.65 14.19
N CYS A 214 10.27 -35.75 15.26
CA CYS A 214 9.75 -35.61 16.62
C CYS A 214 10.70 -36.07 17.71
N ARG B 1 -13.02 27.44 -0.56
CA ARG B 1 -12.50 26.09 -0.16
C ARG B 1 -13.15 24.96 -0.99
N ILE B 2 -12.27 24.22 -1.64
CA ILE B 2 -12.67 23.11 -2.45
C ILE B 2 -12.60 21.81 -1.68
N THR B 3 -13.64 21.03 -1.73
CA THR B 3 -13.55 19.74 -1.08
C THR B 3 -14.24 18.72 -2.02
N LEU B 4 -13.75 17.48 -2.02
CA LEU B 4 -14.34 16.40 -2.80
C LEU B 4 -14.46 15.21 -1.89
N LYS B 5 -15.46 14.37 -2.16
CA LYS B 5 -15.67 13.15 -1.42
C LYS B 5 -16.27 12.02 -2.29
N GLU B 6 -15.63 10.85 -2.21
CA GLU B 6 -16.03 9.69 -2.96
C GLU B 6 -17.07 8.85 -2.23
N SER B 7 -18.02 8.26 -2.97
CA SER B 7 -18.98 7.36 -2.34
C SER B 7 -19.28 6.21 -3.31
N GLY B 8 -19.69 5.06 -2.78
CA GLY B 8 -20.04 3.89 -3.59
C GLY B 8 -19.97 2.65 -2.70
N PRO B 9 -20.09 1.45 -3.26
CA PRO B 9 -20.04 0.23 -2.46
C PRO B 9 -18.63 -0.15 -1.98
N PRO B 10 -18.48 -0.56 -0.70
CA PRO B 10 -17.13 -0.94 -0.24
C PRO B 10 -16.74 -2.29 -0.74
N LEU B 11 -17.75 -3.08 -1.06
CA LEU B 11 -17.51 -4.44 -1.50
C LEU B 11 -18.18 -4.71 -2.81
N VAL B 12 -17.48 -5.37 -3.72
CA VAL B 12 -18.07 -5.72 -4.98
C VAL B 12 -17.56 -7.06 -5.42
N LYS B 13 -18.42 -7.81 -6.09
CA LYS B 13 -18.03 -9.16 -6.57
C LYS B 13 -17.52 -9.14 -8.00
N PRO B 14 -16.60 -10.05 -8.30
CA PRO B 14 -16.01 -10.20 -9.62
C PRO B 14 -17.13 -10.27 -10.66
N THR B 15 -16.83 -9.75 -11.85
CA THR B 15 -17.66 -9.60 -13.03
C THR B 15 -18.68 -8.49 -12.84
N GLN B 16 -18.90 -8.04 -11.60
CA GLN B 16 -19.88 -6.99 -11.43
C GLN B 16 -19.42 -5.62 -11.90
N THR B 17 -20.38 -4.69 -11.91
CA THR B 17 -20.15 -3.32 -12.29
C THR B 17 -20.07 -2.42 -11.06
N LEU B 18 -19.03 -1.59 -11.04
CA LEU B 18 -18.76 -0.67 -9.95
C LEU B 18 -18.99 0.74 -10.39
N THR B 19 -19.85 1.45 -9.65
CA THR B 19 -20.21 2.83 -9.90
C THR B 19 -19.74 3.64 -8.69
N LEU B 20 -18.87 4.61 -8.94
CA LEU B 20 -18.31 5.47 -7.91
C LEU B 20 -18.75 6.89 -8.22
N THR B 21 -19.15 7.61 -7.15
CA THR B 21 -19.57 8.97 -7.26
C THR B 21 -18.64 9.94 -6.50
N CYS B 22 -18.28 11.05 -7.15
CA CYS B 22 -17.47 12.06 -6.55
C CYS B 22 -18.40 13.24 -6.40
N SER B 23 -18.69 13.66 -5.16
CA SER B 23 -19.57 14.84 -4.94
C SER B 23 -18.61 15.92 -4.46
N PHE B 24 -18.71 17.13 -4.98
CA PHE B 24 -17.76 18.16 -4.57
C PHE B 24 -18.45 19.51 -4.27
N SER B 25 -17.71 20.45 -3.69
CA SER B 25 -18.25 21.79 -3.41
C SER B 25 -17.07 22.77 -3.55
N GLY B 26 -17.33 24.06 -3.72
CA GLY B 26 -16.27 25.03 -3.91
C GLY B 26 -15.94 25.36 -5.38
N PHE B 27 -16.50 24.63 -6.33
CA PHE B 27 -16.24 24.94 -7.73
C PHE B 27 -17.40 24.33 -8.54
N SER B 28 -17.51 24.69 -9.79
CA SER B 28 -18.59 24.13 -10.56
C SER B 28 -17.96 23.47 -11.76
N LEU B 29 -18.53 22.39 -12.26
CA LEU B 29 -17.96 21.77 -13.44
C LEU B 29 -18.42 22.54 -14.65
N SER B 30 -18.91 23.77 -14.43
CA SER B 30 -19.23 24.60 -15.53
C SER B 30 -18.18 25.73 -15.50
N ASP B 31 -17.27 25.72 -14.52
CA ASP B 31 -16.27 26.79 -14.51
C ASP B 31 -15.29 26.53 -15.65
N PHE B 32 -14.69 27.59 -16.18
CA PHE B 32 -13.78 27.46 -17.30
C PHE B 32 -12.60 26.50 -17.13
N GLY B 33 -12.48 25.57 -18.05
CA GLY B 33 -11.40 24.59 -18.09
C GLY B 33 -11.20 23.68 -16.90
N VAL B 34 -12.11 23.69 -15.93
CA VAL B 34 -11.91 22.82 -14.78
C VAL B 34 -12.02 21.31 -15.13
N GLY B 35 -11.29 20.48 -14.39
CA GLY B 35 -11.34 19.03 -14.58
C GLY B 35 -11.52 18.32 -13.23
N VAL B 36 -12.04 17.09 -13.32
CA VAL B 36 -12.19 16.25 -12.16
C VAL B 36 -11.66 14.88 -12.70
N GLY B 37 -10.71 14.28 -12.01
CA GLY B 37 -10.12 13.02 -12.46
C GLY B 37 -10.28 11.99 -11.35
N TRP B 38 -9.94 10.75 -11.66
CA TRP B 38 -10.03 9.63 -10.75
C TRP B 38 -8.66 8.96 -10.77
N ILE B 39 -8.17 8.58 -9.59
CA ILE B 39 -6.88 7.92 -9.45
C ILE B 39 -7.09 6.77 -8.44
N ARG B 40 -6.41 5.65 -8.58
CA ARG B 40 -6.66 4.56 -7.62
C ARG B 40 -5.34 4.14 -7.01
N GLN B 41 -5.41 3.40 -5.92
CA GLN B 41 -4.19 2.97 -5.26
C GLN B 41 -4.40 1.60 -4.60
N PRO B 42 -3.95 0.52 -5.23
CA PRO B 42 -4.14 -0.82 -4.64
C PRO B 42 -3.34 -0.84 -3.30
N PRO B 43 -3.78 -1.61 -2.30
CA PRO B 43 -2.99 -1.55 -1.05
C PRO B 43 -1.48 -1.79 -1.20
N GLY B 44 -0.71 -0.93 -0.58
CA GLY B 44 0.73 -1.02 -0.66
C GLY B 44 1.34 -0.64 -2.01
N LYS B 45 0.51 -0.34 -3.02
CA LYS B 45 1.07 0.03 -4.32
C LYS B 45 1.12 1.56 -4.63
N ALA B 46 1.56 1.89 -5.84
CA ALA B 46 1.70 3.25 -6.36
C ALA B 46 0.34 3.79 -6.83
N LEU B 47 0.28 5.10 -7.09
CA LEU B 47 -0.94 5.70 -7.59
C LEU B 47 -1.07 5.34 -9.05
N GLU B 48 -2.31 5.14 -9.48
CA GLU B 48 -2.55 4.83 -10.88
C GLU B 48 -3.69 5.72 -11.45
N TRP B 49 -3.36 6.45 -12.50
CA TRP B 49 -4.31 7.38 -13.10
C TRP B 49 -5.39 6.61 -13.86
N LEU B 50 -6.66 6.99 -13.71
CA LEU B 50 -7.77 6.30 -14.38
C LEU B 50 -8.50 7.08 -15.49
N ALA B 51 -8.83 8.32 -15.20
CA ALA B 51 -9.60 9.09 -16.16
C ALA B 51 -9.80 10.52 -15.70
N ILE B 52 -10.27 11.36 -16.60
CA ILE B 52 -10.56 12.73 -16.15
C ILE B 52 -11.62 13.26 -17.06
N ILE B 53 -12.41 14.21 -16.55
CA ILE B 53 -13.44 14.86 -17.37
C ILE B 53 -13.38 16.36 -17.11
N TYR B 54 -13.54 17.14 -18.17
CA TYR B 54 -13.50 18.63 -18.05
C TYR B 54 -14.88 19.23 -18.18
N SER B 55 -15.01 20.49 -17.74
CA SER B 55 -16.29 21.18 -17.83
C SER B 55 -16.81 21.33 -19.29
N ASP B 56 -15.96 21.37 -20.31
CA ASP B 56 -16.46 21.43 -21.69
C ASP B 56 -16.83 20.00 -22.16
N ASP B 57 -16.80 19.05 -21.23
CA ASP B 57 -17.16 17.67 -21.45
C ASP B 57 -16.23 16.75 -22.24
N ASP B 58 -14.96 17.12 -22.41
CA ASP B 58 -13.96 16.28 -23.09
C ASP B 58 -13.69 15.21 -22.01
N LYS B 59 -13.48 13.96 -22.43
CA LYS B 59 -13.23 12.83 -21.51
C LYS B 59 -11.97 12.11 -21.96
N ARG B 60 -11.18 11.58 -21.02
CA ARG B 60 -9.97 10.83 -21.41
C ARG B 60 -9.83 9.67 -20.40
N TYR B 61 -9.34 8.55 -20.89
CA TYR B 61 -9.21 7.37 -20.08
C TYR B 61 -7.87 6.71 -20.19
N SER B 62 -7.52 6.04 -19.12
CA SER B 62 -6.33 5.23 -19.09
C SER B 62 -6.49 4.23 -20.27
N PRO B 63 -5.47 4.09 -21.12
CA PRO B 63 -5.58 3.13 -22.24
C PRO B 63 -5.74 1.67 -21.76
N SER B 64 -5.06 1.31 -20.71
CA SER B 64 -5.19 -0.02 -20.14
C SER B 64 -6.59 -0.37 -19.61
N LEU B 65 -7.41 0.63 -19.28
CA LEU B 65 -8.74 0.34 -18.71
C LEU B 65 -9.89 0.91 -19.56
N ASN B 66 -9.51 1.53 -20.65
CA ASN B 66 -10.46 2.17 -21.53
C ASN B 66 -11.76 1.42 -21.73
N THR B 67 -11.68 0.15 -22.12
CA THR B 67 -12.89 -0.63 -22.36
C THR B 67 -13.81 -0.83 -21.16
N ARG B 68 -13.29 -0.72 -19.94
CA ARG B 68 -14.15 -0.95 -18.77
C ARG B 68 -14.60 0.35 -18.07
N LEU B 69 -14.08 1.52 -18.49
CA LEU B 69 -14.45 2.76 -17.81
C LEU B 69 -15.36 3.69 -18.56
N THR B 70 -16.26 4.32 -17.80
CA THR B 70 -17.11 5.36 -18.36
C THR B 70 -17.07 6.51 -17.33
N ILE B 71 -16.77 7.73 -17.73
CA ILE B 71 -16.80 8.80 -16.75
C ILE B 71 -17.86 9.77 -17.25
N THR B 72 -18.62 10.34 -16.33
CA THR B 72 -19.67 11.26 -16.76
C THR B 72 -19.86 12.36 -15.73
N LYS B 73 -20.47 13.47 -16.10
CA LYS B 73 -20.67 14.44 -15.05
C LYS B 73 -22.09 14.87 -14.90
N ASP B 74 -22.45 15.35 -13.72
CA ASP B 74 -23.79 15.88 -13.53
C ASP B 74 -23.56 17.26 -12.90
N THR B 75 -23.43 18.24 -13.77
CA THR B 75 -23.10 19.59 -13.42
C THR B 75 -23.99 20.22 -12.40
N SER B 76 -25.29 20.00 -12.55
CA SER B 76 -26.25 20.59 -11.64
C SER B 76 -26.22 19.93 -10.27
N LYS B 77 -25.74 18.68 -10.17
CA LYS B 77 -25.64 18.05 -8.85
C LYS B 77 -24.21 18.13 -8.26
N ASN B 78 -23.30 18.76 -9.01
CA ASN B 78 -21.90 18.82 -8.61
C ASN B 78 -21.35 17.43 -8.34
N GLN B 79 -21.54 16.54 -9.30
CA GLN B 79 -21.02 15.20 -9.14
C GLN B 79 -20.40 14.70 -10.43
N VAL B 80 -19.44 13.79 -10.26
CA VAL B 80 -18.76 13.14 -11.39
C VAL B 80 -18.85 11.69 -11.03
N VAL B 81 -19.26 10.89 -12.00
CA VAL B 81 -19.43 9.46 -11.79
C VAL B 81 -18.48 8.69 -12.69
N LEU B 82 -17.88 7.65 -12.14
CA LEU B 82 -16.99 6.79 -12.85
C LEU B 82 -17.60 5.38 -12.70
N VAL B 83 -17.85 4.75 -13.84
CA VAL B 83 -18.40 3.41 -13.88
C VAL B 83 -17.36 2.45 -14.42
N MET B 84 -17.03 1.42 -13.65
CA MET B 84 -16.08 0.42 -14.09
C MET B 84 -16.82 -0.92 -14.20
N THR B 85 -16.75 -1.54 -15.37
CA THR B 85 -17.46 -2.78 -15.58
C THR B 85 -16.54 -3.95 -15.41
N ARG B 86 -17.16 -5.13 -15.29
CA ARG B 86 -16.39 -6.36 -15.20
C ARG B 86 -15.18 -6.31 -14.25
N VAL B 87 -15.44 -5.95 -13.01
CA VAL B 87 -14.31 -5.89 -12.10
C VAL B 87 -13.80 -7.24 -11.74
N SER B 88 -12.54 -7.29 -11.34
CA SER B 88 -11.93 -8.52 -10.90
C SER B 88 -11.15 -8.18 -9.61
N PRO B 89 -10.63 -9.18 -8.89
CA PRO B 89 -9.88 -8.89 -7.65
C PRO B 89 -8.78 -7.84 -7.73
N VAL B 90 -8.03 -7.78 -8.84
CA VAL B 90 -6.95 -6.78 -8.98
C VAL B 90 -7.48 -5.33 -8.97
N ASP B 91 -8.79 -5.16 -9.08
CA ASP B 91 -9.35 -3.83 -9.01
C ASP B 91 -9.55 -3.42 -7.53
N THR B 92 -9.15 -4.25 -6.55
CA THR B 92 -9.35 -3.78 -5.20
C THR B 92 -8.31 -2.67 -4.96
N ALA B 93 -8.79 -1.53 -4.49
CA ALA B 93 -7.90 -0.39 -4.31
C ALA B 93 -8.67 0.71 -3.60
N THR B 94 -7.93 1.73 -3.18
CA THR B 94 -8.59 2.91 -2.66
C THR B 94 -8.70 3.82 -3.93
N TYR B 95 -9.90 4.31 -4.17
CA TYR B 95 -10.22 5.17 -5.33
C TYR B 95 -10.37 6.62 -4.89
N PHE B 96 -9.62 7.55 -5.51
CA PHE B 96 -9.71 8.97 -5.19
C PHE B 96 -10.20 9.80 -6.39
N CYS B 97 -11.00 10.82 -6.16
CA CYS B 97 -11.33 11.74 -7.25
C CYS B 97 -10.55 13.02 -6.90
N ALA B 98 -10.28 13.86 -7.87
CA ALA B 98 -9.49 15.04 -7.59
C ALA B 98 -9.80 16.18 -8.59
N HIS B 99 -9.60 17.39 -8.11
CA HIS B 99 -9.80 18.58 -8.85
C HIS B 99 -8.57 18.97 -9.60
N ARG B 100 -8.79 19.48 -10.80
CA ARG B 100 -7.74 20.00 -11.66
C ARG B 100 -8.17 21.42 -12.05
N ARG B 101 -7.33 22.39 -11.75
CA ARG B 101 -7.61 23.77 -12.08
C ARG B 101 -7.62 23.99 -13.58
N GLY B 102 -8.36 25.00 -14.02
CA GLY B 102 -8.35 25.38 -15.43
C GLY B 102 -7.38 26.57 -15.54
N PRO B 103 -7.00 27.09 -16.73
CA PRO B 103 -6.07 28.22 -16.78
C PRO B 103 -6.56 29.47 -16.03
N THR B 104 -5.63 30.22 -15.49
CA THR B 104 -6.02 31.46 -14.85
C THR B 104 -6.50 32.41 -15.97
N THR B 105 -7.52 33.20 -15.68
CA THR B 105 -8.04 34.16 -16.62
C THR B 105 -7.96 35.62 -16.05
N LEU B 106 -7.88 36.58 -16.94
CA LEU B 106 -7.83 37.97 -16.52
C LEU B 106 -8.88 38.59 -17.40
N PHE B 107 -9.91 39.14 -16.76
CA PHE B 107 -11.05 39.72 -17.47
C PHE B 107 -11.47 38.67 -18.49
N GLY B 108 -11.65 37.44 -18.00
CA GLY B 108 -12.08 36.35 -18.86
C GLY B 108 -11.21 36.13 -20.07
N VAL B 109 -9.90 36.22 -19.84
CA VAL B 109 -8.95 35.93 -20.91
C VAL B 109 -7.91 35.01 -20.29
N PRO B 110 -7.71 33.82 -20.88
CA PRO B 110 -6.74 32.86 -20.37
C PRO B 110 -5.34 33.48 -20.52
N ILE B 111 -4.61 33.55 -19.41
CA ILE B 111 -3.27 34.14 -19.40
C ILE B 111 -2.20 33.25 -18.77
N ALA B 112 -2.62 32.24 -18.00
CA ALA B 112 -1.65 31.32 -17.38
C ALA B 112 -2.11 29.88 -17.38
N ARG B 113 -1.34 29.01 -18.03
CA ARG B 113 -1.71 27.60 -18.02
C ARG B 113 -0.93 26.77 -16.98
N GLY B 114 0.10 27.36 -16.36
CA GLY B 114 0.85 26.63 -15.36
C GLY B 114 -0.06 26.03 -14.28
N PRO B 115 -1.12 26.72 -13.81
CA PRO B 115 -1.93 26.05 -12.77
C PRO B 115 -2.65 24.76 -13.14
N VAL B 116 -2.74 24.40 -14.42
CA VAL B 116 -3.40 23.14 -14.75
C VAL B 116 -2.47 22.00 -14.57
N ASN B 117 -1.18 22.27 -14.34
CA ASN B 117 -0.27 21.13 -14.23
C ASN B 117 -0.13 20.50 -12.83
N ALA B 118 -1.22 19.92 -12.36
CA ALA B 118 -1.30 19.20 -11.06
C ALA B 118 -2.77 18.88 -10.81
N MET B 119 -3.04 17.93 -9.89
CA MET B 119 -4.40 17.70 -9.45
C MET B 119 -4.21 18.31 -8.05
N ASP B 120 -4.80 19.49 -7.83
CA ASP B 120 -4.58 20.29 -6.59
C ASP B 120 -5.33 19.97 -5.30
N VAL B 121 -6.52 19.36 -5.42
CA VAL B 121 -7.29 18.99 -4.21
C VAL B 121 -7.86 17.60 -4.43
N TRP B 122 -7.68 16.78 -3.40
CA TRP B 122 -8.10 15.39 -3.45
C TRP B 122 -9.18 15.02 -2.46
N GLY B 123 -9.96 13.98 -2.76
CA GLY B 123 -10.96 13.53 -1.80
C GLY B 123 -10.20 12.58 -0.86
N GLN B 124 -10.81 12.26 0.28
CA GLN B 124 -10.18 11.32 1.24
C GLN B 124 -9.93 9.92 0.61
N GLY B 125 -10.73 9.50 -0.36
CA GLY B 125 -10.51 8.20 -0.97
C GLY B 125 -11.53 7.20 -0.44
N ILE B 126 -11.95 6.28 -1.29
CA ILE B 126 -12.89 5.29 -0.83
C ILE B 126 -12.30 3.90 -1.14
N THR B 127 -12.27 3.07 -0.12
CA THR B 127 -11.71 1.73 -0.22
C THR B 127 -12.70 0.76 -0.81
N VAL B 128 -12.32 0.10 -1.88
CA VAL B 128 -13.19 -0.88 -2.54
C VAL B 128 -12.48 -2.25 -2.61
N THR B 129 -13.19 -3.26 -2.14
CA THR B 129 -12.66 -4.63 -2.13
C THR B 129 -13.44 -5.47 -3.12
N ILE B 130 -12.74 -6.16 -4.00
CA ILE B 130 -13.42 -7.03 -4.96
C ILE B 130 -13.16 -8.48 -4.60
N SER B 131 -14.23 -9.14 -4.16
CA SER B 131 -14.16 -10.54 -3.75
C SER B 131 -15.55 -11.18 -3.87
N SER B 132 -15.57 -12.46 -4.24
CA SER B 132 -16.85 -13.16 -4.34
C SER B 132 -17.20 -13.73 -2.97
N THR B 133 -16.29 -13.61 -1.77
CA THR B 133 -16.55 -14.17 -0.45
C THR B 133 -17.76 -13.66 0.35
N SER B 134 -18.31 -14.46 0.95
CA SER B 134 -19.39 -14.08 1.88
C SER B 134 -18.71 -13.86 3.23
N THR B 135 -19.39 -13.13 4.11
CA THR B 135 -18.86 -12.92 5.44
C THR B 135 -18.42 -14.28 6.05
N LYS B 136 -17.27 -14.30 6.69
CA LYS B 136 -16.76 -15.54 7.30
C LYS B 136 -15.71 -15.32 8.40
N GLY B 137 -15.89 -16.02 9.53
CA GLY B 137 -14.96 -15.89 10.64
C GLY B 137 -13.65 -16.64 10.42
N PRO B 138 -12.53 -16.16 11.03
CA PRO B 138 -11.21 -16.77 10.90
C PRO B 138 -11.02 -18.07 11.68
N SER B 139 -10.07 -18.88 11.23
CA SER B 139 -9.66 -20.07 11.94
C SER B 139 -8.41 -19.53 12.60
N VAL B 140 -8.17 -19.86 13.86
CA VAL B 140 -6.97 -19.33 14.49
C VAL B 140 -6.03 -20.45 14.83
N PHE B 141 -4.79 -20.37 14.33
CA PHE B 141 -3.84 -21.43 14.61
C PHE B 141 -2.65 -20.91 15.33
N PRO B 142 -1.97 -21.77 16.12
CA PRO B 142 -0.79 -21.33 16.89
C PRO B 142 0.45 -21.26 16.04
N LEU B 143 1.33 -20.34 16.39
CA LEU B 143 2.62 -20.19 15.73
C LEU B 143 3.58 -20.40 16.93
N ALA B 144 4.22 -21.55 16.97
CA ALA B 144 5.14 -21.82 18.10
C ALA B 144 6.54 -22.15 17.66
N PRO B 145 7.52 -21.66 18.46
CA PRO B 145 8.99 -21.82 18.28
C PRO B 145 9.51 -23.29 18.01
N GLY B 152 19.04 -10.57 22.23
CA GLY B 152 19.29 -11.24 20.96
C GLY B 152 18.70 -12.66 20.92
N ALA B 153 18.76 -13.32 22.09
CA ALA B 153 18.26 -14.67 22.37
C ALA B 153 16.77 -14.55 22.73
N ALA B 154 16.08 -13.94 21.78
CA ALA B 154 14.66 -13.69 21.86
C ALA B 154 13.98 -14.92 21.28
N ALA B 155 12.77 -15.20 21.74
CA ALA B 155 11.99 -16.33 21.23
C ALA B 155 10.74 -15.70 20.60
N ALA B 156 10.12 -16.37 19.63
CA ALA B 156 8.93 -15.79 19.00
C ALA B 156 7.76 -16.72 18.95
N LEU B 157 6.58 -16.17 19.08
CA LEU B 157 5.41 -17.03 18.91
C LEU B 157 4.27 -16.16 18.41
N GLY B 158 3.17 -16.78 18.02
CA GLY B 158 2.09 -15.97 17.53
C GLY B 158 0.85 -16.75 17.21
N CYS B 159 -0.02 -16.11 16.44
CA CYS B 159 -1.27 -16.70 16.01
C CYS B 159 -1.45 -16.30 14.51
N LEU B 160 -1.97 -17.23 13.75
CA LEU B 160 -2.19 -17.12 12.31
C LEU B 160 -3.68 -17.07 12.23
N VAL B 161 -4.19 -15.90 11.84
CA VAL B 161 -5.62 -15.66 11.77
C VAL B 161 -5.99 -15.89 10.31
N LYS B 162 -6.46 -17.09 10.01
CA LYS B 162 -6.71 -17.48 8.64
C LYS B 162 -8.11 -17.59 8.06
N ASP B 163 -8.25 -17.17 6.81
CA ASP B 163 -9.51 -17.29 6.06
C ASP B 163 -10.73 -16.59 6.57
N TYR B 164 -10.65 -15.27 6.68
CA TYR B 164 -11.80 -14.57 7.16
C TYR B 164 -12.16 -13.48 6.15
N PHE B 165 -13.38 -12.96 6.26
CA PHE B 165 -13.88 -11.89 5.39
C PHE B 165 -15.10 -11.24 6.00
N PRO B 166 -15.21 -9.90 5.89
CA PRO B 166 -14.22 -9.00 5.25
C PRO B 166 -13.31 -8.48 6.33
N GLU B 167 -12.50 -7.46 6.01
CA GLU B 167 -11.68 -6.81 7.04
C GLU B 167 -12.69 -6.04 7.90
N PRO B 168 -12.33 -5.68 9.13
CA PRO B 168 -11.06 -5.93 9.78
C PRO B 168 -11.19 -6.99 10.83
N VAL B 169 -10.06 -7.32 11.44
CA VAL B 169 -10.08 -8.21 12.58
C VAL B 169 -9.20 -7.51 13.64
N THR B 170 -9.47 -7.74 14.94
CA THR B 170 -8.60 -7.14 15.96
C THR B 170 -7.89 -8.26 16.72
N VAL B 171 -6.63 -8.05 17.05
CA VAL B 171 -5.87 -9.01 17.80
C VAL B 171 -5.13 -8.30 18.92
N SER B 172 -5.17 -8.88 20.12
CA SER B 172 -4.40 -8.33 21.20
C SER B 172 -3.75 -9.56 21.86
N TRP B 173 -2.80 -9.33 22.77
CA TRP B 173 -2.15 -10.39 23.51
C TRP B 173 -2.46 -10.21 25.02
N ASN B 174 -2.69 -11.32 25.72
CA ASN B 174 -3.04 -11.35 27.14
C ASN B 174 -4.03 -10.28 27.49
N SER B 175 -5.17 -10.33 26.82
CA SER B 175 -6.27 -9.42 27.05
C SER B 175 -5.89 -7.95 27.03
N GLY B 176 -4.79 -7.64 26.35
CA GLY B 176 -4.36 -6.25 26.29
C GLY B 176 -3.16 -5.90 27.14
N ALA B 177 -2.71 -6.82 27.98
CA ALA B 177 -1.57 -6.57 28.87
C ALA B 177 -0.22 -6.76 28.23
N LEU B 178 -0.20 -7.50 27.13
CA LEU B 178 1.07 -7.73 26.46
C LEU B 178 1.07 -6.82 25.24
N THR B 179 2.04 -5.90 25.22
CA THR B 179 2.20 -4.96 24.11
C THR B 179 3.65 -4.88 23.61
N SER B 180 4.62 -4.96 24.50
CA SER B 180 5.97 -4.82 23.99
C SER B 180 6.36 -6.05 23.20
N GLY B 181 6.95 -5.84 22.02
CA GLY B 181 7.38 -6.95 21.18
C GLY B 181 6.25 -7.55 20.33
N VAL B 182 5.09 -6.92 20.34
CA VAL B 182 3.98 -7.42 19.56
C VAL B 182 3.99 -6.80 18.15
N HIS B 183 3.82 -7.63 17.12
CA HIS B 183 3.71 -7.14 15.75
C HIS B 183 2.53 -7.84 15.11
N THR B 184 1.51 -7.06 14.78
CA THR B 184 0.35 -7.60 14.11
C THR B 184 0.48 -7.09 12.65
N PHE B 185 0.72 -7.98 11.72
CA PHE B 185 0.88 -7.60 10.32
C PHE B 185 -0.39 -7.30 9.58
N PRO B 186 -0.28 -6.48 8.51
CA PRO B 186 -1.49 -6.18 7.72
C PRO B 186 -1.85 -7.50 7.02
N ALA B 187 -3.13 -7.73 6.89
CA ALA B 187 -3.68 -8.93 6.26
C ALA B 187 -3.39 -8.89 4.75
N VAL B 188 -3.31 -10.07 4.15
CA VAL B 188 -3.14 -10.20 2.72
C VAL B 188 -4.47 -10.81 2.24
N LEU B 189 -4.91 -10.44 1.04
CA LEU B 189 -6.13 -10.93 0.46
C LEU B 189 -5.64 -12.10 -0.37
N GLN B 190 -6.02 -13.33 0.01
CA GLN B 190 -5.59 -14.52 -0.69
C GLN B 190 -6.34 -14.70 -2.02
N SER B 191 -5.80 -15.53 -2.90
CA SER B 191 -6.45 -15.71 -4.17
C SER B 191 -7.83 -16.29 -3.98
N SER B 192 -8.06 -16.91 -2.82
CA SER B 192 -9.38 -17.47 -2.54
C SER B 192 -10.42 -16.35 -2.29
N GLY B 193 -9.96 -15.14 -1.98
CA GLY B 193 -10.89 -14.03 -1.70
C GLY B 193 -11.12 -13.80 -0.19
N LEU B 194 -10.33 -14.52 0.60
CA LEU B 194 -10.41 -14.43 2.04
C LEU B 194 -9.11 -13.81 2.55
N TYR B 195 -9.18 -13.13 3.67
CA TYR B 195 -7.97 -12.53 4.16
C TYR B 195 -7.22 -13.48 5.10
N SER B 196 -5.96 -13.13 5.38
CA SER B 196 -5.19 -13.91 6.32
C SER B 196 -4.14 -13.01 6.88
N LEU B 197 -3.89 -13.16 8.19
CA LEU B 197 -2.89 -12.36 8.86
C LEU B 197 -2.21 -13.10 10.02
N SER B 198 -1.03 -12.64 10.34
CA SER B 198 -0.33 -13.23 11.47
C SER B 198 -0.15 -12.10 12.46
N SER B 199 -0.02 -12.47 13.73
CA SER B 199 0.26 -11.55 14.82
C SER B 199 1.31 -12.29 15.63
N VAL B 200 2.48 -11.70 15.85
CA VAL B 200 3.47 -12.43 16.60
C VAL B 200 3.95 -11.58 17.78
N VAL B 201 4.70 -12.20 18.68
CA VAL B 201 5.27 -11.49 19.78
C VAL B 201 6.62 -12.11 20.15
N THR B 202 7.60 -11.27 20.41
CA THR B 202 8.96 -11.67 20.76
C THR B 202 9.15 -11.41 22.26
N VAL B 203 9.75 -12.38 22.95
CA VAL B 203 9.98 -12.25 24.40
C VAL B 203 11.32 -12.83 24.76
N PRO B 204 11.87 -12.46 25.95
CA PRO B 204 13.18 -13.00 26.37
C PRO B 204 13.02 -14.51 26.41
N SER B 205 13.97 -15.21 25.78
CA SER B 205 13.87 -16.68 25.71
C SER B 205 13.62 -17.40 27.03
N SER B 206 13.49 -16.62 28.10
CA SER B 206 13.25 -17.14 29.42
C SER B 206 11.75 -17.06 29.79
N SER B 207 11.09 -16.00 29.35
CA SER B 207 9.69 -15.80 29.71
C SER B 207 8.82 -17.00 29.38
N LEU B 208 9.24 -17.78 28.41
CA LEU B 208 8.49 -18.96 28.02
C LEU B 208 8.12 -19.85 29.21
N GLN B 211 5.76 -17.24 32.43
CA GLN B 211 4.73 -16.41 31.75
C GLN B 211 3.84 -17.08 30.62
N THR B 212 2.53 -16.82 30.57
CA THR B 212 1.71 -17.44 29.49
C THR B 212 1.30 -16.43 28.39
N TYR B 213 1.07 -16.95 27.18
CA TYR B 213 0.73 -16.11 26.02
C TYR B 213 -0.55 -16.52 25.31
N THR B 214 -1.53 -15.62 25.31
CA THR B 214 -2.76 -15.95 24.65
C THR B 214 -3.16 -14.81 23.70
N CYS B 215 -3.47 -15.12 22.43
CA CYS B 215 -3.87 -14.05 21.51
C CYS B 215 -5.37 -13.97 21.57
N ASN B 216 -5.93 -12.75 21.63
CA ASN B 216 -7.39 -12.56 21.65
C ASN B 216 -7.73 -12.01 20.29
N VAL B 217 -8.48 -12.78 19.53
CA VAL B 217 -8.86 -12.45 18.15
C VAL B 217 -10.32 -12.13 18.08
N ASN B 218 -10.68 -11.09 17.35
CA ASN B 218 -12.10 -10.74 17.27
C ASN B 218 -12.44 -10.23 15.87
N HIS B 219 -13.35 -10.94 15.19
CA HIS B 219 -13.77 -10.52 13.85
C HIS B 219 -15.24 -10.07 14.00
N LYS B 220 -15.47 -8.78 14.24
CA LYS B 220 -16.83 -8.27 14.45
C LYS B 220 -17.83 -8.70 13.40
N PRO B 221 -17.48 -8.52 12.11
CA PRO B 221 -18.35 -8.88 11.01
C PRO B 221 -19.07 -10.21 11.13
N SER B 222 -18.38 -11.24 11.61
CA SER B 222 -18.99 -12.59 11.75
C SER B 222 -19.31 -13.00 13.19
N ASN B 223 -19.14 -12.10 14.14
CA ASN B 223 -19.38 -12.40 15.55
C ASN B 223 -18.53 -13.61 15.90
N THR B 224 -17.20 -13.48 15.74
CA THR B 224 -16.31 -14.58 16.06
C THR B 224 -15.21 -14.12 17.00
N LYS B 225 -15.28 -14.48 18.28
CA LYS B 225 -14.19 -14.13 19.21
C LYS B 225 -13.48 -15.44 19.56
N VAL B 226 -12.16 -15.39 19.66
CA VAL B 226 -11.41 -16.57 19.93
C VAL B 226 -10.23 -16.15 20.82
N ASP B 227 -9.91 -16.94 21.84
CA ASP B 227 -8.73 -16.67 22.63
C ASP B 227 -7.95 -17.95 22.42
N LYS B 228 -6.69 -17.84 22.00
CA LYS B 228 -5.88 -19.01 21.77
C LYS B 228 -4.57 -18.90 22.52
N ARG B 229 -4.38 -19.77 23.49
CA ARG B 229 -3.16 -19.77 24.28
C ARG B 229 -2.14 -20.55 23.46
N VAL B 230 -0.96 -20.00 23.33
CA VAL B 230 0.08 -20.58 22.53
C VAL B 230 1.29 -20.93 23.40
N GLU B 231 1.80 -22.14 23.29
CA GLU B 231 2.99 -22.42 24.09
C GLU B 231 4.02 -23.18 23.29
N PRO B 232 5.24 -23.31 23.85
CA PRO B 232 6.35 -24.03 23.21
C PRO B 232 6.17 -25.55 23.08
N LYS B 233 5.18 -25.97 22.27
CA LYS B 233 4.82 -27.40 21.99
C LYS B 233 5.44 -28.51 22.89
N SER B 234 5.84 -29.63 22.29
CA SER B 234 6.48 -30.77 23.01
C SER B 234 5.74 -31.21 24.30
N CYS B 235 4.37 -31.25 24.30
CA CYS B 235 3.43 -31.62 25.44
C CYS B 235 3.35 -30.62 26.63
N GLU C 1 -1.71 10.75 -26.60
CA GLU C 1 -1.78 12.10 -27.26
C GLU C 1 -1.47 13.19 -26.24
N CYS C 2 -1.31 14.43 -26.72
CA CYS C 2 -1.00 15.55 -25.85
C CYS C 2 -2.12 15.96 -24.90
N ASP C 3 -1.73 16.45 -23.71
CA ASP C 3 -2.68 16.91 -22.72
C ASP C 3 -3.55 18.00 -23.33
N LYS C 4 -4.63 18.34 -22.63
CA LYS C 4 -5.63 19.31 -23.08
C LYS C 4 -5.01 20.69 -23.23
N TRP C 5 -4.05 20.99 -22.35
CA TRP C 5 -3.40 22.29 -22.38
C TRP C 5 -2.00 22.32 -23.06
N CYS C 6 -1.82 21.57 -24.17
CA CYS C 6 -0.57 21.60 -25.04
C CYS C 6 -0.61 22.76 -26.04
N SER C 7 0.40 23.00 -26.85
CA SER C 7 0.24 24.01 -27.96
C SER C 7 0.31 25.04 -27.06
#